data_8BFS
#
_entry.id   8BFS
#
_cell.length_a   57.809
_cell.length_b   45.948
_cell.length_c   108.535
_cell.angle_alpha   90.000
_cell.angle_beta   103.960
_cell.angle_gamma   90.000
#
_symmetry.space_group_name_H-M   'I 1 2 1'
#
loop_
_entity.id
_entity.type
_entity.pdbx_description
1 polymer 'Calcium/calmodulin-dependent protein kinase type 1D'
2 non-polymer 'SULFATE ION'
3 non-polymer 3~{H}-pyrrolo[2,3-c]isoquinolin-5-amine
4 non-polymer 1,2-ETHANEDIOL
5 water water
#
_entity_poly.entity_id   1
_entity_poly.type   'polypeptide(L)'
_entity_poly.pdbx_seq_one_letter_code
;MARENGESSSSWKKQAEDIKKIFEFKETLGTGAFSEVVLAEEKATGKLFAVKCIPKKALKGKESSIENEIAVLRKIKHEN
IVALEDIYESPNHLYLVMQLVSGGELFDRIVEKGFYTEKDASTLIRQVLDAVYYLHRMGIVHRDLKPENLLYYSQDEESK
IMISDFGLSKMEGKGDVMSTACGTPGYVAPEVLAQKPYSKAVDCWSIGVIAYILLCGYPPFYDENDSKLFEQILKAEYEF
DSPYWDDISDSAKDFIRNLMEKDPNKRYTCEQAARHPWIAGDTALNKNIHESVSAQIRKNFAKSKWRQAFNATAVVRHMR
KLHLGSSLDSSNASVSSSLSLASQKDCLAPSTLCSFISSSSGVSGVGAERRPRPTTVTAVHSGSK
;
_entity_poly.pdbx_strand_id   A
#
loop_
_chem_comp.id
_chem_comp.type
_chem_comp.name
_chem_comp.formula
EDO non-polymer 1,2-ETHANEDIOL 'C2 H6 O2'
QNR non-polymer 3~{H}-pyrrolo[2,3-c]isoquinolin-5-amine 'C11 H9 N3'
SO4 non-polymer 'SULFATE ION' 'O4 S -2'
#
# COMPACT_ATOMS: atom_id res chain seq x y z
N TRP A 12 22.92 16.35 5.59
CA TRP A 12 22.13 15.09 5.53
C TRP A 12 22.15 14.45 4.14
N LYS A 13 22.22 15.25 3.06
CA LYS A 13 22.32 14.70 1.71
C LYS A 13 23.78 14.42 1.38
N LYS A 14 24.08 13.22 0.88
CA LYS A 14 25.40 12.97 0.33
C LYS A 14 25.49 13.48 -1.11
N GLN A 15 26.69 13.89 -1.51
CA GLN A 15 26.94 14.43 -2.85
C GLN A 15 27.75 13.39 -3.61
N ALA A 16 27.41 13.19 -4.89
CA ALA A 16 28.17 12.32 -5.77
C ALA A 16 28.27 12.97 -7.15
N GLU A 17 29.47 12.88 -7.76
CA GLU A 17 29.68 13.38 -9.12
C GLU A 17 28.84 12.52 -10.06
N ASP A 18 28.77 11.25 -9.71
CA ASP A 18 28.07 10.26 -10.50
C ASP A 18 27.62 9.15 -9.57
N ILE A 19 26.35 8.76 -9.64
CA ILE A 19 25.85 7.79 -8.68
C ILE A 19 26.52 6.42 -8.84
N LYS A 20 27.12 6.17 -10.00
CA LYS A 20 27.71 4.87 -10.27
C LYS A 20 29.03 4.70 -9.53
N LYS A 21 29.59 5.80 -9.00
CA LYS A 21 30.70 5.68 -8.06
C LYS A 21 30.26 4.98 -6.77
N ILE A 22 28.94 4.98 -6.45
CA ILE A 22 28.49 4.44 -5.18
C ILE A 22 27.82 3.08 -5.40
N PHE A 23 26.93 3.01 -6.40
CA PHE A 23 26.06 1.87 -6.59
C PHE A 23 26.26 1.27 -7.98
N GLU A 24 26.02 -0.03 -8.06
CA GLU A 24 25.80 -0.74 -9.29
C GLU A 24 24.30 -1.01 -9.45
N PHE A 25 23.71 -0.51 -10.55
CA PHE A 25 22.30 -0.62 -10.82
C PHE A 25 21.99 -1.88 -11.62
N LYS A 26 21.08 -2.71 -11.09
CA LYS A 26 20.61 -3.90 -11.76
C LYS A 26 19.18 -3.66 -12.22
N GLU A 27 18.29 -4.60 -11.91
CA GLU A 27 16.97 -4.55 -12.49
C GLU A 27 16.20 -3.34 -11.96
N THR A 28 15.26 -2.90 -12.77
CA THR A 28 14.20 -1.99 -12.37
C THR A 28 13.20 -2.76 -11.52
N LEU A 29 12.79 -2.14 -10.42
CA LEU A 29 11.82 -2.69 -9.51
C LEU A 29 10.47 -1.99 -9.75
N GLY A 30 10.52 -0.80 -10.33
CA GLY A 30 9.31 0.00 -10.50
C GLY A 30 9.59 1.22 -11.36
N THR A 31 8.60 1.68 -12.13
CA THR A 31 8.80 2.84 -12.99
C THR A 31 7.70 3.88 -12.79
N GLY A 32 7.91 5.03 -13.45
CA GLY A 32 7.04 6.19 -13.42
C GLY A 32 7.42 7.11 -14.57
N ALA A 33 6.63 8.15 -14.81
CA ALA A 33 6.92 9.02 -15.95
C ALA A 33 8.35 9.53 -15.84
N PHE A 34 8.71 10.02 -14.62
CA PHE A 34 10.00 10.63 -14.32
C PHE A 34 10.46 10.21 -12.91
N SER A 35 10.58 8.90 -12.72
CA SER A 35 11.04 8.30 -11.49
C SER A 35 11.16 6.80 -11.72
N GLU A 36 12.25 6.19 -11.26
CA GLU A 36 12.44 4.76 -11.39
C GLU A 36 13.01 4.26 -10.07
N VAL A 37 12.54 3.11 -9.60
CA VAL A 37 13.15 2.43 -8.47
C VAL A 37 13.96 1.27 -9.03
N VAL A 38 15.24 1.18 -8.65
CA VAL A 38 16.16 0.18 -9.17
C VAL A 38 16.73 -0.61 -8.00
N LEU A 39 17.02 -1.89 -8.24
CA LEU A 39 17.81 -2.66 -7.30
C LEU A 39 19.29 -2.29 -7.48
N ALA A 40 19.93 -1.96 -6.35
CA ALA A 40 21.26 -1.39 -6.37
C ALA A 40 22.11 -2.11 -5.34
N GLU A 41 23.34 -2.42 -5.73
CA GLU A 41 24.34 -2.86 -4.78
C GLU A 41 25.31 -1.74 -4.42
N GLU A 42 25.50 -1.53 -3.12
CA GLU A 42 26.47 -0.55 -2.67
C GLU A 42 27.87 -1.13 -2.90
N LYS A 43 28.62 -0.53 -3.83
CA LYS A 43 29.90 -1.10 -4.25
C LYS A 43 30.83 -1.27 -3.04
N ALA A 44 30.80 -0.35 -2.06
CA ALA A 44 31.74 -0.38 -0.95
C ALA A 44 31.45 -1.48 0.07
N THR A 45 30.22 -2.02 0.13
CA THR A 45 29.83 -2.92 1.22
C THR A 45 29.28 -4.26 0.73
N GLY A 46 28.75 -4.30 -0.49
CA GLY A 46 28.03 -5.47 -0.97
C GLY A 46 26.52 -5.41 -0.66
N LYS A 47 26.08 -4.47 0.18
CA LYS A 47 24.70 -4.41 0.67
C LYS A 47 23.74 -3.97 -0.45
N LEU A 48 22.52 -4.53 -0.45
CA LEU A 48 21.52 -4.24 -1.50
C LEU A 48 20.46 -3.26 -0.98
N PHE A 49 19.97 -2.42 -1.89
CA PHE A 49 18.98 -1.42 -1.56
C PHE A 49 18.09 -1.26 -2.77
N ALA A 50 16.97 -0.60 -2.50
CA ALA A 50 16.05 -0.16 -3.50
C ALA A 50 16.27 1.33 -3.66
N VAL A 51 16.69 1.79 -4.84
CA VAL A 51 17.05 3.20 -4.99
C VAL A 51 16.09 3.88 -5.96
N LYS A 52 15.36 4.89 -5.46
CA LYS A 52 14.47 5.68 -6.29
C LYS A 52 15.27 6.82 -6.93
N CYS A 53 15.28 6.84 -8.27
CA CYS A 53 16.08 7.78 -9.06
C CYS A 53 15.15 8.85 -9.59
N ILE A 54 15.41 10.11 -9.23
CA ILE A 54 14.55 11.21 -9.56
C ILE A 54 15.32 12.32 -10.27
N PRO A 55 14.92 12.73 -11.49
CA PRO A 55 15.54 13.90 -12.13
C PRO A 55 15.12 15.16 -11.39
N LYS A 56 16.10 16.01 -11.06
CA LYS A 56 15.77 17.26 -10.38
C LYS A 56 14.89 18.14 -11.27
N LYS A 57 15.03 18.01 -12.60
CA LYS A 57 14.24 18.80 -13.54
C LYS A 57 12.75 18.55 -13.32
N ALA A 58 12.40 17.34 -12.89
CA ALA A 58 11.00 16.98 -12.61
C ALA A 58 10.50 17.63 -11.32
N LEU A 59 11.41 18.26 -10.55
CA LEU A 59 11.06 18.84 -9.27
C LEU A 59 11.09 20.37 -9.33
N LYS A 60 11.52 20.97 -10.45
CA LYS A 60 11.61 22.43 -10.55
C LYS A 60 10.30 23.07 -10.07
N GLY A 61 10.42 24.08 -9.19
CA GLY A 61 9.27 24.69 -8.55
C GLY A 61 8.83 24.02 -7.24
N LYS A 62 9.59 23.04 -6.75
CA LYS A 62 9.21 22.32 -5.55
C LYS A 62 10.44 21.69 -4.86
N GLU A 63 11.62 21.81 -5.47
CA GLU A 63 12.83 21.12 -5.04
C GLU A 63 13.14 21.37 -3.56
N SER A 64 13.01 22.62 -3.15
CA SER A 64 13.35 23.02 -1.80
C SER A 64 12.38 22.33 -0.83
N SER A 65 11.10 22.36 -1.18
CA SER A 65 10.04 21.87 -0.31
C SER A 65 10.01 20.34 -0.25
N ILE A 66 10.31 19.68 -1.37
CA ILE A 66 10.41 18.23 -1.37
C ILE A 66 11.63 17.81 -0.54
N GLU A 67 12.75 18.49 -0.73
CA GLU A 67 13.97 18.19 0.02
C GLU A 67 13.70 18.37 1.52
N ASN A 68 12.98 19.44 1.88
CA ASN A 68 12.54 19.67 3.25
C ASN A 68 11.81 18.44 3.83
N GLU A 69 10.85 17.92 3.08
CA GLU A 69 10.03 16.82 3.55
C GLU A 69 10.84 15.53 3.68
N ILE A 70 11.68 15.24 2.67
CA ILE A 70 12.57 14.09 2.70
C ILE A 70 13.51 14.20 3.91
N ALA A 71 13.98 15.39 4.22
CA ALA A 71 14.88 15.56 5.36
C ALA A 71 14.18 15.22 6.68
N VAL A 72 12.87 15.44 6.76
CA VAL A 72 12.10 15.08 7.95
C VAL A 72 12.00 13.56 8.03
N LEU A 73 11.55 12.94 6.92
CA LEU A 73 11.21 11.52 6.88
C LEU A 73 12.45 10.63 6.99
N ARG A 74 13.63 11.11 6.57
CA ARG A 74 14.86 10.35 6.68
C ARG A 74 15.12 9.98 8.14
N LYS A 75 14.64 10.77 9.12
CA LYS A 75 14.98 10.50 10.52
C LYS A 75 14.00 9.53 11.19
N ILE A 76 12.94 9.12 10.48
CA ILE A 76 11.85 8.35 11.08
C ILE A 76 11.69 7.01 10.39
N LYS A 77 11.74 5.94 11.19
CA LYS A 77 11.48 4.59 10.73
C LYS A 77 10.17 4.11 11.35
N HIS A 78 9.24 3.71 10.47
CA HIS A 78 8.05 3.00 10.89
C HIS A 78 8.23 1.54 10.57
N GLU A 79 7.82 0.69 11.52
CA GLU A 79 7.87 -0.75 11.37
C GLU A 79 7.28 -1.26 10.04
N ASN A 80 6.21 -0.64 9.53
CA ASN A 80 5.44 -1.14 8.40
C ASN A 80 5.62 -0.24 7.15
N ILE A 81 6.71 0.52 7.10
CA ILE A 81 7.05 1.33 5.95
C ILE A 81 8.52 1.14 5.63
N VAL A 82 8.84 0.92 4.35
CA VAL A 82 10.25 0.86 3.96
C VAL A 82 11.01 2.10 4.45
N ALA A 83 12.18 1.89 5.04
CA ALA A 83 12.94 2.96 5.64
C ALA A 83 13.69 3.71 4.55
N LEU A 84 13.79 5.02 4.75
CA LEU A 84 14.63 5.88 3.93
C LEU A 84 16.05 5.92 4.52
N GLU A 85 16.98 5.16 3.92
CA GLU A 85 18.28 4.90 4.51
C GLU A 85 19.29 6.03 4.22
N ASP A 86 19.15 6.72 3.07
CA ASP A 86 20.16 7.69 2.67
C ASP A 86 19.63 8.48 1.46
N ILE A 87 20.12 9.70 1.27
CA ILE A 87 19.79 10.51 0.09
C ILE A 87 21.10 10.92 -0.55
N TYR A 88 21.27 10.59 -1.84
CA TYR A 88 22.36 11.12 -2.63
C TYR A 88 21.82 12.14 -3.62
N GLU A 89 22.62 13.18 -3.84
CA GLU A 89 22.36 14.18 -4.85
C GLU A 89 23.56 14.23 -5.80
N SER A 90 23.28 14.05 -7.10
CA SER A 90 24.21 14.20 -8.18
C SER A 90 23.90 15.53 -8.86
N PRO A 91 24.63 16.00 -9.90
CA PRO A 91 24.31 17.28 -10.52
C PRO A 91 22.87 17.44 -11.04
N ASN A 92 22.27 16.37 -11.56
CA ASN A 92 20.93 16.48 -12.13
C ASN A 92 19.91 15.49 -11.54
N HIS A 93 20.30 14.70 -10.54
CA HIS A 93 19.37 13.74 -9.95
C HIS A 93 19.46 13.71 -8.43
N LEU A 94 18.34 13.24 -7.87
CA LEU A 94 18.21 12.86 -6.47
C LEU A 94 18.00 11.35 -6.36
N TYR A 95 18.64 10.70 -5.37
CA TYR A 95 18.51 9.28 -5.18
C TYR A 95 18.11 9.00 -3.72
N LEU A 96 16.92 8.43 -3.56
CA LEU A 96 16.42 7.99 -2.26
C LEU A 96 16.76 6.53 -2.10
N VAL A 97 17.69 6.26 -1.17
CA VAL A 97 18.17 4.92 -0.91
C VAL A 97 17.24 4.32 0.14
N MET A 98 16.51 3.30 -0.28
CA MET A 98 15.48 2.69 0.56
C MET A 98 15.88 1.26 0.90
N GLN A 99 15.34 0.83 2.03
CA GLN A 99 15.36 -0.54 2.48
C GLN A 99 14.77 -1.44 1.39
N LEU A 100 15.53 -2.48 1.00
CA LEU A 100 15.05 -3.45 0.03
C LEU A 100 14.28 -4.55 0.76
N VAL A 101 13.10 -4.87 0.27
CA VAL A 101 12.25 -5.87 0.89
C VAL A 101 12.35 -7.17 0.09
N SER A 102 12.41 -8.31 0.77
CA SER A 102 12.74 -9.58 0.13
C SER A 102 11.66 -10.62 0.39
N GLY A 103 10.54 -10.22 0.99
CA GLY A 103 9.64 -11.22 1.54
C GLY A 103 8.64 -11.75 0.53
N GLY A 104 8.42 -11.02 -0.55
CA GLY A 104 7.40 -11.39 -1.50
C GLY A 104 6.23 -10.40 -1.55
N GLU A 105 5.43 -10.59 -2.58
CA GLU A 105 4.24 -9.80 -2.80
C GLU A 105 3.07 -10.35 -1.96
N LEU A 106 2.07 -9.51 -1.71
CA LEU A 106 1.01 -9.86 -0.77
C LEU A 106 0.22 -11.08 -1.26
N PHE A 107 -0.39 -11.01 -2.44
CA PHE A 107 -1.24 -12.09 -2.92
C PHE A 107 -0.44 -13.38 -3.17
N ASP A 108 0.79 -13.27 -3.67
CA ASP A 108 1.62 -14.47 -3.89
C ASP A 108 1.66 -15.32 -2.61
N ARG A 109 1.91 -14.68 -1.47
CA ARG A 109 2.04 -15.41 -0.18
C ARG A 109 0.72 -16.05 0.22
N ILE A 110 -0.38 -15.31 0.08
CA ILE A 110 -1.73 -15.84 0.41
C ILE A 110 -2.03 -17.08 -0.43
N VAL A 111 -1.74 -17.03 -1.73
CA VAL A 111 -2.04 -18.16 -2.63
C VAL A 111 -1.09 -19.32 -2.28
N GLU A 112 0.12 -18.98 -1.83
CA GLU A 112 1.13 -19.99 -1.51
C GLU A 112 0.89 -20.65 -0.16
N LYS A 113 0.54 -19.89 0.89
CA LYS A 113 0.09 -20.41 2.17
C LYS A 113 -0.88 -21.58 1.95
N GLY A 114 -0.96 -22.54 2.86
CA GLY A 114 -2.02 -23.54 2.70
C GLY A 114 -3.20 -23.26 3.63
N PHE A 115 -3.05 -22.25 4.47
CA PHE A 115 -3.98 -21.99 5.54
C PHE A 115 -4.06 -20.47 5.70
N TYR A 116 -5.27 -19.94 5.75
CA TYR A 116 -5.46 -18.48 5.72
C TYR A 116 -6.82 -18.18 6.33
N THR A 117 -6.87 -17.28 7.31
CA THR A 117 -8.09 -17.01 8.04
C THR A 117 -8.36 -15.49 8.07
N GLU A 118 -9.52 -15.12 8.54
CA GLU A 118 -9.83 -13.73 8.79
C GLU A 118 -8.84 -13.10 9.74
N LYS A 119 -8.35 -13.86 10.72
CA LYS A 119 -7.39 -13.29 11.64
C LYS A 119 -6.11 -12.88 10.92
N ASP A 120 -5.71 -13.61 9.87
CA ASP A 120 -4.57 -13.24 9.05
C ASP A 120 -4.86 -11.93 8.32
N ALA A 121 -6.05 -11.83 7.73
CA ALA A 121 -6.42 -10.63 7.00
C ALA A 121 -6.43 -9.43 7.95
N SER A 122 -6.94 -9.65 9.14
CA SER A 122 -7.03 -8.59 10.15
C SER A 122 -5.63 -8.14 10.57
N THR A 123 -4.70 -9.08 10.73
CA THR A 123 -3.32 -8.75 11.10
C THR A 123 -2.69 -7.90 10.02
N LEU A 124 -2.94 -8.24 8.76
CA LEU A 124 -2.41 -7.45 7.66
C LEU A 124 -2.98 -6.04 7.66
N ILE A 125 -4.30 -5.90 7.77
CA ILE A 125 -4.95 -4.56 7.72
C ILE A 125 -4.49 -3.70 8.91
N ARG A 126 -4.34 -4.31 10.08
CA ARG A 126 -3.91 -3.57 11.29
C ARG A 126 -2.56 -2.91 11.01
N GLN A 127 -1.68 -3.60 10.31
CA GLN A 127 -0.35 -3.06 9.98
C GLN A 127 -0.52 -1.89 9.01
N VAL A 128 -1.35 -2.07 8.00
CA VAL A 128 -1.58 -1.01 7.04
C VAL A 128 -2.16 0.23 7.71
N LEU A 129 -3.16 0.05 8.57
CA LEU A 129 -3.75 1.12 9.35
C LEU A 129 -2.70 1.87 10.15
N ASP A 130 -1.76 1.14 10.78
CA ASP A 130 -0.73 1.76 11.61
C ASP A 130 0.17 2.64 10.73
N ALA A 131 0.61 2.14 9.58
CA ALA A 131 1.49 2.84 8.67
C ALA A 131 0.81 4.10 8.12
N VAL A 132 -0.45 3.94 7.71
CA VAL A 132 -1.17 5.01 7.04
C VAL A 132 -1.53 6.09 8.06
N TYR A 133 -1.86 5.70 9.29
CA TYR A 133 -2.13 6.68 10.34
C TYR A 133 -0.90 7.58 10.51
N TYR A 134 0.30 6.96 10.52
CA TYR A 134 1.56 7.69 10.73
C TYR A 134 1.74 8.66 9.55
N LEU A 135 1.57 8.18 8.32
CA LEU A 135 1.74 9.01 7.15
C LEU A 135 0.80 10.21 7.21
N HIS A 136 -0.47 9.96 7.58
CA HIS A 136 -1.45 11.02 7.78
C HIS A 136 -1.02 12.06 8.81
N ARG A 137 -0.53 11.62 9.98
CA ARG A 137 -0.01 12.55 10.97
C ARG A 137 1.08 13.45 10.41
N MET A 138 1.96 12.89 9.55
CA MET A 138 3.06 13.63 8.97
C MET A 138 2.58 14.53 7.82
N GLY A 139 1.30 14.44 7.42
CA GLY A 139 0.74 15.29 6.39
C GLY A 139 0.76 14.64 5.01
N ILE A 140 1.00 13.32 4.97
CA ILE A 140 1.11 12.62 3.70
C ILE A 140 -0.21 11.88 3.45
N VAL A 141 -0.84 12.14 2.31
CA VAL A 141 -1.95 11.34 1.83
C VAL A 141 -1.36 10.46 0.75
N HIS A 142 -1.41 9.14 0.97
CA HIS A 142 -0.75 8.20 0.09
C HIS A 142 -1.35 8.29 -1.32
N ARG A 143 -2.68 8.16 -1.39
CA ARG A 143 -3.45 8.30 -2.62
C ARG A 143 -3.33 7.08 -3.54
N ASP A 144 -2.46 6.12 -3.25
CA ASP A 144 -2.18 5.06 -4.21
C ASP A 144 -2.10 3.70 -3.52
N LEU A 145 -2.83 3.51 -2.41
CA LEU A 145 -2.73 2.28 -1.66
C LEU A 145 -3.42 1.17 -2.45
N LYS A 146 -2.66 0.13 -2.75
CA LYS A 146 -3.19 -1.05 -3.39
C LYS A 146 -2.28 -2.22 -3.05
N PRO A 147 -2.72 -3.47 -3.31
CA PRO A 147 -1.97 -4.65 -2.90
C PRO A 147 -0.51 -4.68 -3.40
N GLU A 148 -0.28 -4.10 -4.59
CA GLU A 148 1.03 -4.11 -5.20
C GLU A 148 2.03 -3.26 -4.41
N ASN A 149 1.55 -2.27 -3.65
CA ASN A 149 2.43 -1.46 -2.82
C ASN A 149 2.67 -2.10 -1.44
N LEU A 150 2.15 -3.31 -1.21
CA LEU A 150 2.35 -3.99 0.07
C LEU A 150 3.23 -5.21 -0.14
N LEU A 151 4.39 -5.22 0.54
CA LEU A 151 5.38 -6.28 0.42
C LEU A 151 5.73 -6.82 1.79
N TYR A 152 6.00 -8.11 1.84
CA TYR A 152 6.49 -8.70 3.08
C TYR A 152 7.98 -8.44 3.27
N TYR A 153 8.37 -8.14 4.51
CA TYR A 153 9.74 -7.91 4.92
C TYR A 153 10.62 -9.13 4.65
N SER A 154 10.18 -10.33 5.03
CA SER A 154 10.99 -11.51 4.82
C SER A 154 10.11 -12.68 4.43
N GLN A 155 10.78 -13.77 3.99
CA GLN A 155 10.12 -15.02 3.66
C GLN A 155 9.61 -15.69 4.92
N ASP A 156 10.03 -15.21 6.08
CA ASP A 156 9.60 -15.78 7.35
C ASP A 156 8.06 -15.84 7.43
N GLU A 157 7.60 -16.96 8.00
CA GLU A 157 6.25 -17.18 8.42
C GLU A 157 5.60 -15.98 9.12
N GLU A 158 6.33 -15.38 10.05
CA GLU A 158 5.79 -14.34 10.89
C GLU A 158 6.09 -12.95 10.32
N SER A 159 6.46 -12.84 9.05
CA SER A 159 6.94 -11.58 8.52
C SER A 159 5.83 -10.52 8.63
N LYS A 160 6.22 -9.29 9.00
CA LYS A 160 5.38 -8.12 8.89
C LYS A 160 5.21 -7.75 7.41
N ILE A 161 4.14 -6.97 7.15
CA ILE A 161 3.91 -6.36 5.85
C ILE A 161 4.42 -4.91 5.87
N MET A 162 4.82 -4.36 4.71
CA MET A 162 5.34 -3.01 4.65
C MET A 162 4.79 -2.30 3.42
N ILE A 163 4.50 -1.01 3.60
CA ILE A 163 4.30 -0.12 2.47
C ILE A 163 5.65 0.15 1.79
N SER A 164 5.74 -0.18 0.49
CA SER A 164 7.02 -0.19 -0.18
C SER A 164 7.37 1.15 -0.83
N ASP A 165 6.38 2.04 -0.94
CA ASP A 165 6.62 3.23 -1.74
C ASP A 165 5.47 4.16 -1.49
N PHE A 166 5.79 5.45 -1.34
CA PHE A 166 4.82 6.51 -1.25
C PHE A 166 5.43 7.76 -1.89
N GLY A 167 4.57 8.67 -2.37
CA GLY A 167 4.99 9.97 -2.89
C GLY A 167 5.09 11.00 -1.79
N PRO A 185 -7.70 2.96 -10.39
CA PRO A 185 -9.12 3.13 -10.76
C PRO A 185 -10.05 2.48 -9.73
N GLY A 186 -9.95 1.16 -9.57
CA GLY A 186 -10.85 0.43 -8.72
C GLY A 186 -10.62 0.66 -7.23
N TYR A 187 -9.50 1.31 -6.87
CA TYR A 187 -9.09 1.49 -5.47
C TYR A 187 -9.29 2.95 -5.05
N VAL A 188 -9.84 3.77 -5.94
CA VAL A 188 -9.91 5.21 -5.76
C VAL A 188 -11.28 5.59 -5.19
N ALA A 189 -11.27 6.53 -4.24
CA ALA A 189 -12.45 6.91 -3.48
C ALA A 189 -13.45 7.64 -4.37
N PRO A 190 -14.77 7.51 -4.11
CA PRO A 190 -15.79 8.17 -4.93
C PRO A 190 -15.57 9.68 -5.07
N GLU A 191 -15.20 10.36 -3.98
CA GLU A 191 -15.09 11.80 -4.01
C GLU A 191 -13.98 12.26 -4.98
N VAL A 192 -12.96 11.43 -5.19
CA VAL A 192 -11.91 11.72 -6.17
C VAL A 192 -12.52 11.64 -7.57
N LEU A 193 -13.07 10.46 -7.93
CA LEU A 193 -13.73 10.25 -9.20
C LEU A 193 -14.71 11.37 -9.54
N ALA A 194 -15.42 11.88 -8.53
CA ALA A 194 -16.37 12.97 -8.71
C ALA A 194 -15.65 14.32 -8.77
N GLN A 195 -14.34 14.28 -9.08
CA GLN A 195 -13.51 15.47 -9.22
C GLN A 195 -13.74 16.45 -8.08
N LYS A 196 -14.00 15.94 -6.85
CA LYS A 196 -14.36 16.76 -5.70
C LYS A 196 -13.13 16.89 -4.81
N PRO A 197 -13.10 17.89 -3.88
CA PRO A 197 -11.93 18.10 -3.04
C PRO A 197 -11.82 16.95 -2.04
N TYR A 198 -10.61 16.45 -1.81
CA TYR A 198 -10.47 15.21 -1.06
C TYR A 198 -9.37 15.36 -0.02
N SER A 199 -9.30 14.37 0.87
CA SER A 199 -8.51 14.47 2.07
C SER A 199 -7.88 13.10 2.34
N LYS A 200 -7.25 12.98 3.51
CA LYS A 200 -6.69 11.73 3.98
C LYS A 200 -7.72 10.58 3.95
N ALA A 201 -9.02 10.88 4.00
CA ALA A 201 -10.07 9.85 3.99
C ALA A 201 -9.98 8.96 2.75
N VAL A 202 -9.39 9.44 1.66
CA VAL A 202 -9.32 8.61 0.46
C VAL A 202 -8.52 7.33 0.73
N ASP A 203 -7.52 7.43 1.61
CA ASP A 203 -6.70 6.27 1.94
C ASP A 203 -7.50 5.24 2.71
N CYS A 204 -8.41 5.69 3.60
CA CYS A 204 -9.21 4.80 4.43
C CYS A 204 -10.15 3.99 3.53
N TRP A 205 -10.70 4.62 2.47
CA TRP A 205 -11.43 3.96 1.41
C TRP A 205 -10.59 2.83 0.81
N SER A 206 -9.35 3.13 0.42
CA SER A 206 -8.50 2.16 -0.29
C SER A 206 -8.23 0.96 0.61
N ILE A 207 -8.07 1.22 1.91
CA ILE A 207 -7.83 0.19 2.90
C ILE A 207 -9.04 -0.73 3.00
N GLY A 208 -10.25 -0.15 2.92
CA GLY A 208 -11.46 -0.92 2.91
C GLY A 208 -11.54 -1.86 1.70
N VAL A 209 -11.17 -1.33 0.53
CA VAL A 209 -11.13 -2.13 -0.68
C VAL A 209 -10.12 -3.29 -0.53
N ILE A 210 -8.90 -3.00 -0.07
CA ILE A 210 -7.88 -4.04 0.16
C ILE A 210 -8.44 -5.11 1.11
N ALA A 211 -9.13 -4.72 2.18
CA ALA A 211 -9.70 -5.68 3.12
C ALA A 211 -10.77 -6.54 2.44
N TYR A 212 -11.55 -5.93 1.55
CA TYR A 212 -12.53 -6.66 0.76
C TYR A 212 -11.84 -7.76 -0.04
N ILE A 213 -10.77 -7.42 -0.74
CA ILE A 213 -10.09 -8.40 -1.58
C ILE A 213 -9.41 -9.48 -0.73
N LEU A 214 -8.87 -9.09 0.43
CA LEU A 214 -8.22 -10.04 1.31
C LEU A 214 -9.21 -11.08 1.83
N LEU A 215 -10.52 -10.78 1.87
CA LEU A 215 -11.47 -11.72 2.44
C LEU A 215 -12.17 -12.57 1.38
N CYS A 216 -12.08 -12.23 0.09
CA CYS A 216 -12.75 -13.03 -0.93
C CYS A 216 -11.93 -13.32 -2.20
N GLY A 217 -10.88 -12.52 -2.45
CA GLY A 217 -9.96 -12.75 -3.54
C GLY A 217 -10.36 -12.08 -4.86
N TYR A 218 -11.38 -11.21 -4.83
CA TYR A 218 -11.77 -10.42 -5.97
C TYR A 218 -12.15 -8.99 -5.56
N PRO A 219 -12.00 -8.03 -6.52
CA PRO A 219 -12.26 -6.63 -6.25
C PRO A 219 -13.76 -6.37 -6.14
N PRO A 220 -14.12 -5.40 -5.29
CA PRO A 220 -15.54 -5.14 -5.04
C PRO A 220 -16.24 -4.46 -6.23
N PHE A 221 -15.46 -3.75 -7.04
CA PHE A 221 -16.02 -3.02 -8.17
C PHE A 221 -15.31 -3.52 -9.41
N TYR A 222 -16.04 -4.05 -10.38
CA TYR A 222 -15.46 -4.22 -11.71
C TYR A 222 -16.55 -4.35 -12.76
N ASP A 223 -16.31 -3.80 -13.97
CA ASP A 223 -17.23 -3.93 -15.10
C ASP A 223 -16.47 -3.77 -16.42
N GLU A 224 -17.09 -4.29 -17.50
CA GLU A 224 -16.61 -4.12 -18.86
C GLU A 224 -16.58 -2.64 -19.22
N ASN A 225 -17.77 -1.99 -19.23
CA ASN A 225 -17.90 -0.58 -19.58
C ASN A 225 -17.47 0.30 -18.40
N ASP A 226 -16.43 1.12 -18.62
CA ASP A 226 -15.93 2.06 -17.64
C ASP A 226 -17.01 3.01 -17.14
N SER A 227 -18.02 3.31 -17.96
CA SER A 227 -19.14 4.14 -17.54
C SER A 227 -19.94 3.44 -16.43
N LYS A 228 -20.10 2.11 -16.57
CA LYS A 228 -20.75 1.32 -15.55
C LYS A 228 -19.93 1.36 -14.27
N LEU A 229 -18.62 1.11 -14.43
CA LEU A 229 -17.66 0.94 -13.36
C LEU A 229 -17.46 2.24 -12.59
N PHE A 230 -17.40 3.35 -13.33
CA PHE A 230 -17.18 4.65 -12.74
C PHE A 230 -18.37 4.95 -11.85
N GLU A 231 -19.57 4.67 -12.38
CA GLU A 231 -20.82 4.90 -11.70
C GLU A 231 -20.97 3.99 -10.46
N GLN A 232 -20.58 2.72 -10.60
CA GLN A 232 -20.63 1.80 -9.46
C GLN A 232 -19.76 2.36 -8.32
N ILE A 233 -18.58 2.90 -8.62
CA ILE A 233 -17.72 3.42 -7.57
C ILE A 233 -18.32 4.68 -6.99
N LEU A 234 -18.78 5.59 -7.86
CA LEU A 234 -19.39 6.85 -7.44
C LEU A 234 -20.52 6.62 -6.46
N LYS A 235 -21.33 5.59 -6.73
CA LYS A 235 -22.48 5.28 -5.91
C LYS A 235 -22.11 4.31 -4.77
N ALA A 236 -20.87 3.82 -4.73
CA ALA A 236 -20.41 2.87 -3.72
C ALA A 236 -21.36 1.67 -3.69
N GLU A 237 -21.59 1.12 -4.87
CA GLU A 237 -22.45 -0.03 -5.07
C GLU A 237 -21.62 -1.30 -5.16
N TYR A 238 -21.60 -2.04 -4.06
CA TYR A 238 -20.89 -3.30 -3.94
C TYR A 238 -21.74 -4.20 -3.06
N GLU A 239 -21.42 -5.49 -3.03
CA GLU A 239 -22.15 -6.46 -2.23
C GLU A 239 -21.15 -7.43 -1.61
N PHE A 240 -21.56 -8.10 -0.54
CA PHE A 240 -20.87 -9.27 -0.01
C PHE A 240 -21.63 -10.49 -0.54
N ASP A 241 -21.36 -10.86 -1.79
CA ASP A 241 -22.14 -11.88 -2.47
C ASP A 241 -21.78 -13.31 -2.08
N SER A 242 -22.81 -14.17 -2.17
CA SER A 242 -22.69 -15.60 -1.92
C SER A 242 -22.19 -16.27 -3.20
N PRO A 243 -21.46 -17.41 -3.10
CA PRO A 243 -21.17 -18.05 -1.82
C PRO A 243 -19.94 -17.52 -1.05
N TYR A 244 -19.16 -16.63 -1.69
CA TYR A 244 -17.82 -16.24 -1.27
C TYR A 244 -17.83 -15.62 0.12
N TRP A 245 -18.85 -14.83 0.42
CA TRP A 245 -18.95 -14.11 1.68
C TRP A 245 -19.73 -14.84 2.78
N ASP A 246 -20.23 -16.06 2.51
CA ASP A 246 -21.15 -16.71 3.44
C ASP A 246 -20.47 -17.09 4.76
N ASP A 247 -19.20 -17.43 4.73
CA ASP A 247 -18.53 -17.86 5.94
C ASP A 247 -17.64 -16.74 6.53
N ILE A 248 -17.85 -15.50 6.07
CA ILE A 248 -17.19 -14.31 6.59
C ILE A 248 -18.06 -13.67 7.68
N SER A 249 -17.41 -13.25 8.76
CA SER A 249 -18.10 -12.73 9.94
C SER A 249 -18.84 -11.44 9.64
N ASP A 250 -19.95 -11.20 10.38
CA ASP A 250 -20.65 -9.93 10.29
C ASP A 250 -19.69 -8.81 10.68
N SER A 251 -18.83 -9.07 11.67
CA SER A 251 -17.84 -8.09 12.16
C SER A 251 -16.95 -7.61 11.02
N ALA A 252 -16.42 -8.53 10.20
CA ALA A 252 -15.59 -8.12 9.07
C ALA A 252 -16.39 -7.28 8.08
N LYS A 253 -17.62 -7.72 7.82
CA LYS A 253 -18.47 -7.02 6.83
C LYS A 253 -18.74 -5.59 7.31
N ASP A 254 -19.01 -5.47 8.62
CA ASP A 254 -19.25 -4.16 9.22
C ASP A 254 -18.00 -3.30 9.09
N PHE A 255 -16.84 -3.89 9.43
CA PHE A 255 -15.56 -3.21 9.30
C PHE A 255 -15.40 -2.61 7.90
N ILE A 256 -15.57 -3.45 6.87
CA ILE A 256 -15.42 -3.01 5.50
C ILE A 256 -16.42 -1.90 5.18
N ARG A 257 -17.68 -2.04 5.62
CA ARG A 257 -18.75 -1.10 5.29
C ARG A 257 -18.42 0.31 5.81
N ASN A 258 -17.70 0.36 6.94
CA ASN A 258 -17.36 1.61 7.57
C ASN A 258 -16.22 2.31 6.83
N LEU A 259 -15.42 1.56 6.06
CA LEU A 259 -14.32 2.14 5.31
C LEU A 259 -14.74 2.43 3.87
N MET A 260 -15.48 1.51 3.26
CA MET A 260 -16.06 1.71 1.93
C MET A 260 -17.42 2.41 2.09
N GLU A 261 -17.36 3.62 2.67
CA GLU A 261 -18.48 4.50 2.95
C GLU A 261 -18.35 5.67 1.99
N LYS A 262 -19.41 5.92 1.19
CA LYS A 262 -19.38 6.90 0.12
C LYS A 262 -19.06 8.31 0.64
N ASP A 263 -19.54 8.61 1.85
CA ASP A 263 -19.44 9.95 2.41
C ASP A 263 -18.17 10.02 3.23
N PRO A 264 -17.15 10.81 2.83
CA PRO A 264 -15.88 10.84 3.55
C PRO A 264 -15.98 11.33 5.00
N ASN A 265 -17.07 12.04 5.34
CA ASN A 265 -17.30 12.54 6.70
C ASN A 265 -17.81 11.42 7.61
N LYS A 266 -18.66 10.54 7.07
CA LYS A 266 -19.15 9.38 7.80
C LYS A 266 -18.10 8.26 7.83
N ARG A 267 -17.24 8.19 6.81
CA ARG A 267 -16.24 7.13 6.66
C ARG A 267 -15.35 7.07 7.91
N TYR A 268 -15.05 5.85 8.38
CA TYR A 268 -14.06 5.68 9.43
C TYR A 268 -12.71 6.29 9.03
N THR A 269 -12.08 6.97 9.97
CA THR A 269 -10.66 7.26 9.88
C THR A 269 -9.85 5.99 10.18
N CYS A 270 -8.53 6.08 10.00
CA CYS A 270 -7.64 4.99 10.36
C CYS A 270 -7.68 4.71 11.85
N GLU A 271 -7.72 5.79 12.65
CA GLU A 271 -7.78 5.68 14.10
C GLU A 271 -9.08 4.97 14.52
N GLN A 272 -10.22 5.30 13.87
CA GLN A 272 -11.49 4.66 14.20
C GLN A 272 -11.48 3.19 13.77
N ALA A 273 -10.95 2.93 12.56
CA ALA A 273 -10.87 1.57 12.05
C ALA A 273 -10.04 0.67 12.97
N ALA A 274 -8.93 1.22 13.48
CA ALA A 274 -8.04 0.47 14.35
C ALA A 274 -8.71 0.14 15.69
N ARG A 275 -9.80 0.85 16.07
CA ARG A 275 -10.52 0.52 17.29
C ARG A 275 -11.65 -0.50 17.08
N HIS A 276 -12.01 -0.81 15.82
CA HIS A 276 -13.14 -1.67 15.51
C HIS A 276 -12.79 -3.05 16.04
N PRO A 277 -13.77 -3.83 16.59
CA PRO A 277 -13.45 -5.13 17.16
C PRO A 277 -12.72 -6.11 16.23
N TRP A 278 -12.94 -5.96 14.93
CA TRP A 278 -12.38 -6.92 13.97
C TRP A 278 -10.85 -6.77 13.96
N ILE A 279 -10.39 -5.56 14.29
CA ILE A 279 -8.99 -5.21 14.38
C ILE A 279 -8.52 -5.33 15.83
N ALA A 280 -9.25 -4.67 16.77
CA ALA A 280 -8.72 -4.47 18.11
C ALA A 280 -9.16 -5.59 19.04
N GLY A 281 -10.20 -6.32 18.63
CA GLY A 281 -10.87 -7.26 19.49
C GLY A 281 -10.65 -8.67 18.96
N ASP A 282 -11.65 -9.49 19.20
CA ASP A 282 -11.48 -10.90 18.95
C ASP A 282 -12.58 -11.41 18.04
N THR A 283 -13.12 -10.57 17.16
CA THR A 283 -14.22 -11.02 16.32
C THR A 283 -13.73 -11.65 15.00
N ALA A 284 -12.49 -11.42 14.60
CA ALA A 284 -11.98 -12.05 13.38
C ALA A 284 -11.98 -13.58 13.54
N LEU A 285 -12.55 -14.29 12.55
CA LEU A 285 -12.71 -15.74 12.73
C LEU A 285 -11.41 -16.46 12.41
N ASN A 286 -11.42 -17.77 12.73
CA ASN A 286 -10.29 -18.68 12.68
C ASN A 286 -10.55 -19.77 11.63
N LYS A 287 -11.50 -19.53 10.71
CA LYS A 287 -11.84 -20.52 9.71
C LYS A 287 -10.87 -20.41 8.53
N ASN A 288 -10.37 -21.55 8.06
CA ASN A 288 -9.50 -21.58 6.91
C ASN A 288 -10.32 -21.29 5.65
N ILE A 289 -10.14 -20.08 5.09
CA ILE A 289 -10.85 -19.64 3.90
C ILE A 289 -9.90 -19.64 2.70
N HIS A 290 -8.71 -20.25 2.85
CA HIS A 290 -7.69 -20.27 1.82
C HIS A 290 -8.23 -20.78 0.48
N GLU A 291 -9.04 -21.84 0.46
CA GLU A 291 -9.33 -22.50 -0.82
C GLU A 291 -10.07 -21.54 -1.76
N SER A 292 -11.12 -20.90 -1.25
CA SER A 292 -11.91 -19.97 -2.03
C SER A 292 -11.15 -18.68 -2.32
N VAL A 293 -10.47 -18.09 -1.31
CA VAL A 293 -9.79 -16.84 -1.56
C VAL A 293 -8.71 -17.05 -2.62
N SER A 294 -7.92 -18.15 -2.52
CA SER A 294 -6.84 -18.34 -3.47
C SER A 294 -7.39 -18.66 -4.87
N ALA A 295 -8.49 -19.41 -4.96
CA ALA A 295 -9.11 -19.70 -6.26
C ALA A 295 -9.57 -18.39 -6.93
N GLN A 296 -10.15 -17.47 -6.15
CA GLN A 296 -10.62 -16.20 -6.69
C GLN A 296 -9.45 -15.32 -7.10
N ILE A 297 -8.35 -15.34 -6.33
CA ILE A 297 -7.21 -14.52 -6.70
C ILE A 297 -6.68 -15.03 -8.03
N ARG A 298 -6.59 -16.36 -8.18
CA ARG A 298 -6.07 -16.96 -9.39
C ARG A 298 -6.94 -16.56 -10.59
N LYS A 299 -8.26 -16.60 -10.41
CA LYS A 299 -9.21 -16.38 -11.48
C LYS A 299 -9.43 -14.90 -11.81
N ASN A 300 -9.21 -13.99 -10.85
CA ASN A 300 -9.57 -12.58 -11.03
C ASN A 300 -8.37 -11.74 -11.42
N PHE A 301 -7.17 -12.29 -11.27
CA PHE A 301 -5.95 -11.56 -11.55
C PHE A 301 -5.15 -12.30 -12.62
N ALA A 302 -4.17 -11.59 -13.18
CA ALA A 302 -3.43 -12.05 -14.34
C ALA A 302 -2.75 -13.37 -14.01
S SO4 B . 23.81 13.25 -13.42
O1 SO4 B . 22.87 13.49 -12.36
O2 SO4 B . 23.10 12.75 -14.58
O3 SO4 B . 24.44 14.50 -13.71
O4 SO4 B . 24.80 12.29 -13.04
C1 QNR C . 11.73 -1.85 -2.00
C1 QNR C . 11.62 -3.92 -3.02
C2 QNR C . 11.04 -1.12 -2.98
C2 QNR C . 10.97 -3.61 -4.22
C3 QNR C . 10.94 0.22 -2.52
C3 QNR C . 10.81 -4.83 -4.93
C4 QNR C . 11.58 0.26 -1.32
C4 QNR C . 11.36 -5.80 -4.16
C5 QNR C . 10.57 -1.88 -4.12
C5 QNR C . 10.63 -2.23 -4.43
C6 QNR C . 10.85 -3.27 -4.17
C6 QNR C . 10.98 -1.29 -3.42
N QNR C . 11.89 -5.18 -3.08
N QNR C . 12.03 -0.92 -1.28
C QNR C . 11.59 -3.87 -3.08
C QNR C . 11.67 -1.77 -2.24
C7 QNR C . 10.38 -4.02 -5.29
C7 QNR C . 10.64 0.08 -3.63
C8 QNR C . 9.67 -3.41 -6.28
C8 QNR C . 10.00 0.47 -4.77
C9 QNR C . 9.40 -2.05 -6.23
C9 QNR C . 9.67 -0.44 -5.74
C10 QNR C . 9.83 -1.30 -5.18
C10 QNR C . 9.97 -1.76 -5.59
N2 QNR C . 12.05 -0.99 -0.99
N2 QNR C . 11.86 -5.27 -3.01
N1 QNR C . 12.02 -3.15 -2.04
N1 QNR C . 11.96 -3.05 -2.06
C1 EDO D . 9.04 6.83 7.27
O1 EDO D . 9.19 8.18 7.65
C2 EDO D . 9.76 6.50 6.02
O2 EDO D . 10.87 5.65 6.26
C1 EDO E . -11.81 -8.36 -11.64
O1 EDO E . -12.84 -9.25 -11.28
C2 EDO E . -11.28 -8.65 -13.00
O2 EDO E . -10.82 -9.97 -13.16
C1 EDO F . -4.16 4.25 14.74
O1 EDO F . -4.31 3.83 16.08
C2 EDO F . -3.53 3.18 13.98
O2 EDO F . -2.27 3.01 14.57
C1 EDO G . -10.43 -24.37 10.51
O1 EDO G . -11.14 -24.01 9.33
C2 EDO G . -9.40 -25.50 10.34
O2 EDO G . -9.70 -26.42 9.27
C1 EDO H . -19.61 -16.70 10.05
O1 EDO H . -19.82 -17.99 9.51
C2 EDO H . -20.75 -15.81 9.83
O2 EDO H . -21.75 -16.09 10.77
S SO4 I . -6.53 9.09 10.28
O1 SO4 I . -6.85 8.42 11.52
O2 SO4 I . -7.30 8.59 9.12
O3 SO4 I . -5.10 8.88 10.03
O4 SO4 I . -6.82 10.49 10.41
S SO4 J . 12.80 24.98 -6.26
O1 SO4 J . 13.30 24.68 -4.94
O2 SO4 J . 11.37 25.07 -6.23
O3 SO4 J . 13.19 23.95 -7.20
O4 SO4 J . 13.37 26.23 -6.67
S SO4 K . -16.28 -18.94 -9.66
O1 SO4 K . -16.34 -20.29 -10.12
O2 SO4 K . -16.75 -18.90 -8.29
O3 SO4 K . -17.11 -18.12 -10.49
O4 SO4 K . -14.92 -18.47 -9.72
S SO4 L . -13.93 -26.18 8.70
O1 SO4 L . -14.66 -26.96 9.68
O2 SO4 L . -14.79 -25.81 7.61
O3 SO4 L . -13.44 -24.97 9.31
O4 SO4 L . -12.82 -26.97 8.20
#